data_3I6Q
#
_entry.id   3I6Q
#
_cell.length_a   45.866
_cell.length_b   50.894
_cell.length_c   68.935
_cell.angle_alpha   90.00
_cell.angle_beta   102.26
_cell.angle_gamma   90.00
#
_symmetry.space_group_name_H-M   'P 1 21 1'
#
loop_
_entity.id
_entity.type
_entity.pdbx_description
1 polymer 'Putative leucoanthocyanidin reductase 1'
2 non-polymer 'NADPH DIHYDRO-NICOTINAMIDE-ADENINE-DINUCLEOTIDE PHOSPHATE'
3 water water
#
_entity_poly.entity_id   1
_entity_poly.type   'polypeptide(L)'
_entity_poly.pdbx_seq_one_letter_code
;MTVSPVPSPKGRVLIAGATGFIGQFVATASLDAHRPTYILARPGPRSPSKAKIFKALEDKGAIIVYGLINEQEAMEKILK
EHEIDIVVSTVGGESILDQIALVKAMKAVGTIKRFLPSEFGHDVNRADPVEPGLNMYREKRRVRQLVEESGIPFTYICCN
SIASWPYYNNIHPSEVLPPTDFFQIYGDGNVKAYFVAGTDIGKFTMKTVDDVRTLNKSVHFRPSCNCLNINELASVWEKK
IGRTLPRVTVTEDDLLAAAGENIIPQSVVAAFTHDIFIKGCQVNFSIDGPEDVEVTTLYPEDSFRTVEECFGEYIVKMEE
KQPTADSAIANTGPVVGMRQVTATCA
;
_entity_poly.pdbx_strand_id   A
#
loop_
_chem_comp.id
_chem_comp.type
_chem_comp.name
_chem_comp.formula
NDP non-polymer 'NADPH DIHYDRO-NICOTINAMIDE-ADENINE-DINUCLEOTIDE PHOSPHATE' 'C21 H30 N7 O17 P3'
#
# COMPACT_ATOMS: atom_id res chain seq x y z
N GLY A 11 8.10 5.88 20.81
CA GLY A 11 6.93 4.97 20.82
C GLY A 11 7.22 3.57 20.29
N ARG A 12 6.67 2.57 20.96
CA ARG A 12 6.82 1.17 20.53
C ARG A 12 5.82 0.85 19.41
N VAL A 13 6.33 0.19 18.35
CA VAL A 13 5.56 -0.11 17.15
C VAL A 13 5.29 -1.61 17.10
N LEU A 14 4.03 -1.98 16.87
CA LEU A 14 3.66 -3.35 16.56
C LEU A 14 3.21 -3.41 15.10
N ILE A 15 3.83 -4.29 14.33
CA ILE A 15 3.43 -4.51 12.94
C ILE A 15 2.80 -5.87 12.79
N ALA A 16 1.60 -5.90 12.22
CA ALA A 16 0.91 -7.15 11.90
C ALA A 16 1.00 -7.37 10.40
N GLY A 17 1.48 -8.54 10.01
CA GLY A 17 1.68 -8.86 8.60
C GLY A 17 3.06 -8.51 8.08
N ALA A 18 4.06 -8.57 8.97
CA ALA A 18 5.43 -8.18 8.63
C ALA A 18 6.15 -9.14 7.66
N THR A 19 5.64 -10.36 7.49
CA THR A 19 6.20 -11.28 6.49
C THR A 19 5.50 -11.16 5.14
N GLY A 20 4.50 -10.27 5.08
CA GLY A 20 3.75 -10.02 3.85
C GLY A 20 4.56 -9.23 2.85
N PHE A 21 3.99 -8.98 1.67
CA PHE A 21 4.68 -8.25 0.62
C PHE A 21 4.98 -6.80 1.03
N ILE A 22 3.94 -6.06 1.37
CA ILE A 22 4.08 -4.68 1.89
C ILE A 22 4.72 -4.65 3.29
N GLY A 23 4.27 -5.55 4.16
CA GLY A 23 4.71 -5.60 5.55
C GLY A 23 6.21 -5.72 5.75
N GLN A 24 6.87 -6.49 4.89
CA GLN A 24 8.33 -6.63 4.92
C GLN A 24 9.03 -5.29 4.74
N PHE A 25 8.55 -4.48 3.79
CA PHE A 25 9.13 -3.15 3.59
C PHE A 25 8.91 -2.24 4.80
N VAL A 26 7.70 -2.26 5.36
CA VAL A 26 7.33 -1.45 6.53
C VAL A 26 8.09 -1.89 7.80
N ALA A 27 8.17 -3.20 8.03
CA ALA A 27 8.94 -3.74 9.15
C ALA A 27 10.42 -3.38 9.05
N THR A 28 10.97 -3.48 7.84
CA THR A 28 12.39 -3.20 7.63
C THR A 28 12.69 -1.72 7.84
N ALA A 29 11.81 -0.85 7.34
CA ALA A 29 11.96 0.60 7.47
C ALA A 29 11.92 1.04 8.93
N SER A 30 11.04 0.41 9.71
CA SER A 30 10.86 0.75 11.11
C SER A 30 12.14 0.49 11.88
N LEU A 31 12.74 -0.68 11.64
CA LEU A 31 14.00 -1.08 12.25
C LEU A 31 15.16 -0.18 11.85
N ASP A 32 15.20 0.20 10.57
CA ASP A 32 16.21 1.13 10.05
C ASP A 32 16.14 2.49 10.74
N ALA A 33 14.93 2.91 11.12
CA ALA A 33 14.70 4.21 11.74
C ALA A 33 14.94 4.19 13.25
N HIS A 34 15.44 3.06 13.75
CA HIS A 34 15.76 2.85 15.17
C HIS A 34 14.54 2.90 16.09
N ARG A 35 13.36 2.59 15.54
CA ARG A 35 12.15 2.50 16.33
C ARG A 35 12.07 1.14 17.00
N PRO A 36 11.63 1.08 18.28
CA PRO A 36 11.39 -0.23 18.87
C PRO A 36 10.26 -0.93 18.11
N THR A 37 10.56 -2.06 17.47
CA THR A 37 9.59 -2.74 16.61
C THR A 37 9.25 -4.14 17.09
N TYR A 38 7.95 -4.39 17.23
CA TYR A 38 7.43 -5.69 17.61
C TYR A 38 6.72 -6.26 16.37
N ILE A 39 7.03 -7.51 16.04
CA ILE A 39 6.41 -8.11 14.86
C ILE A 39 5.58 -9.35 15.19
N LEU A 40 4.28 -9.25 14.93
CA LEU A 40 3.32 -10.29 15.31
C LEU A 40 3.46 -11.54 14.44
N ALA A 41 3.51 -12.70 15.09
CA ALA A 41 3.69 -13.99 14.40
C ALA A 41 2.52 -14.94 14.63
N ARG A 42 2.04 -15.52 13.52
CA ARG A 42 0.95 -16.49 13.53
C ARG A 42 1.39 -17.81 14.16
N PHE A 54 12.39 -12.46 8.17
CA PHE A 54 11.95 -12.88 9.51
C PHE A 54 13.14 -13.19 10.42
N LYS A 55 14.08 -13.99 9.91
CA LYS A 55 15.40 -14.11 10.53
C LYS A 55 16.13 -12.79 10.32
N ALA A 56 16.02 -12.26 9.10
CA ALA A 56 16.60 -10.96 8.74
C ALA A 56 16.03 -9.84 9.60
N LEU A 57 14.73 -9.91 9.86
CA LEU A 57 14.05 -8.99 10.77
C LEU A 57 14.67 -9.10 12.18
N GLU A 58 14.77 -10.32 12.69
CA GLU A 58 15.26 -10.56 14.05
C GLU A 58 16.70 -10.11 14.28
N ASP A 59 17.57 -10.41 13.31
CA ASP A 59 18.97 -9.94 13.30
C ASP A 59 19.07 -8.42 13.34
N LYS A 60 18.08 -7.75 12.74
CA LYS A 60 18.04 -6.30 12.68
C LYS A 60 17.41 -5.66 13.93
N GLY A 61 16.91 -6.48 14.85
CA GLY A 61 16.45 -6.01 16.16
C GLY A 61 15.00 -6.24 16.57
N ALA A 62 14.23 -6.91 15.71
CA ALA A 62 12.79 -7.11 15.97
C ALA A 62 12.51 -8.06 17.12
N ILE A 63 11.47 -7.73 17.90
CA ILE A 63 10.95 -8.60 18.94
C ILE A 63 9.69 -9.31 18.42
N ILE A 64 9.69 -10.64 18.47
CA ILE A 64 8.55 -11.42 17.95
C ILE A 64 7.55 -11.77 19.05
N VAL A 65 6.28 -11.43 18.83
CA VAL A 65 5.19 -11.75 19.76
C VAL A 65 4.13 -12.57 19.01
N TYR A 66 3.40 -13.42 19.73
CA TYR A 66 2.52 -14.41 19.11
C TYR A 66 1.03 -14.16 19.25
N GLY A 67 0.34 -14.23 18.11
CA GLY A 67 -1.10 -14.04 18.07
C GLY A 67 -1.64 -13.70 16.68
N LEU A 68 -2.95 -13.50 16.62
CA LEU A 68 -3.68 -13.24 15.38
C LEU A 68 -4.57 -12.04 15.64
N ILE A 69 -4.61 -11.10 14.69
CA ILE A 69 -5.28 -9.83 14.95
C ILE A 69 -6.80 -9.98 15.15
N ASN A 70 -7.36 -11.08 14.66
CA ASN A 70 -8.79 -11.40 14.76
C ASN A 70 -9.25 -11.94 16.14
N GLU A 71 -8.31 -12.17 17.06
CA GLU A 71 -8.62 -12.59 18.43
C GLU A 71 -8.51 -11.40 19.41
N GLN A 72 -9.65 -10.79 19.73
CA GLN A 72 -9.65 -9.54 20.48
C GLN A 72 -8.90 -9.60 21.82
N GLU A 73 -9.30 -10.54 22.70
CA GLU A 73 -8.67 -10.64 24.02
C GLU A 73 -7.15 -10.81 23.96
N ALA A 74 -6.69 -11.67 23.05
CA ALA A 74 -5.27 -11.92 22.85
C ALA A 74 -4.52 -10.65 22.45
N MET A 75 -5.13 -9.83 21.58
CA MET A 75 -4.53 -8.55 21.18
C MET A 75 -4.47 -7.54 22.32
N GLU A 76 -5.55 -7.46 23.12
CA GLU A 76 -5.57 -6.55 24.27
C GLU A 76 -4.41 -6.86 25.23
N LYS A 77 -4.12 -8.14 25.41
CA LYS A 77 -3.05 -8.59 26.29
C LYS A 77 -1.69 -8.09 25.78
N ILE A 78 -1.41 -8.33 24.50
CA ILE A 78 -0.16 -7.92 23.85
C ILE A 78 0.03 -6.40 23.90
N LEU A 79 -1.01 -5.66 23.51
CA LEU A 79 -0.93 -4.20 23.50
C LEU A 79 -0.62 -3.64 24.89
N LYS A 80 -1.19 -4.28 25.92
CA LYS A 80 -0.99 -3.89 27.32
C LYS A 80 0.38 -4.30 27.85
N GLU A 81 0.73 -5.58 27.66
CA GLU A 81 1.95 -6.14 28.24
C GLU A 81 3.19 -5.48 27.63
N HIS A 82 3.16 -5.25 26.31
CA HIS A 82 4.31 -4.67 25.64
C HIS A 82 4.26 -3.15 25.48
N GLU A 83 3.23 -2.52 26.07
CA GLU A 83 3.11 -1.05 26.11
C GLU A 83 3.21 -0.43 24.70
N ILE A 84 2.41 -0.98 23.78
CA ILE A 84 2.40 -0.55 22.38
C ILE A 84 1.81 0.84 22.22
N ASP A 85 2.49 1.68 21.46
CA ASP A 85 2.01 3.03 21.17
C ASP A 85 1.44 3.17 19.75
N ILE A 86 2.06 2.48 18.80
N ILE A 86 2.08 2.49 18.80
CA ILE A 86 1.70 2.61 17.38
CA ILE A 86 1.76 2.56 17.37
C ILE A 86 1.47 1.23 16.78
C ILE A 86 1.44 1.18 16.85
N VAL A 87 0.34 1.04 16.11
CA VAL A 87 -0.01 -0.25 15.50
C VAL A 87 -0.13 -0.05 13.99
N VAL A 88 0.50 -0.91 13.21
CA VAL A 88 0.44 -0.83 11.74
C VAL A 88 0.01 -2.22 11.25
N SER A 89 -1.13 -2.29 10.57
CA SER A 89 -1.60 -3.54 10.01
C SER A 89 -1.32 -3.63 8.51
N THR A 90 -0.66 -4.69 8.06
CA THR A 90 -0.45 -4.90 6.63
C THR A 90 -1.03 -6.23 6.17
N VAL A 91 -2.14 -6.64 6.79
CA VAL A 91 -2.82 -7.88 6.39
C VAL A 91 -3.34 -7.80 4.94
N GLY A 92 -3.46 -8.96 4.27
CA GLY A 92 -3.76 -8.96 2.83
C GLY A 92 -5.21 -8.71 2.46
N GLY A 93 -5.45 -8.52 1.16
CA GLY A 93 -6.78 -8.16 0.65
C GLY A 93 -7.92 -9.06 1.12
N GLU A 94 -7.60 -10.33 1.36
CA GLU A 94 -8.57 -11.33 1.78
C GLU A 94 -8.82 -11.36 3.30
N SER A 95 -8.10 -10.54 4.06
CA SER A 95 -8.17 -10.58 5.53
C SER A 95 -8.54 -9.22 6.13
N ILE A 96 -9.12 -8.35 5.32
CA ILE A 96 -9.36 -6.96 5.75
C ILE A 96 -10.27 -6.95 6.99
N LEU A 97 -11.32 -7.75 6.96
CA LEU A 97 -12.25 -7.81 8.09
C LEU A 97 -11.72 -8.49 9.38
N ASP A 98 -10.56 -9.13 9.30
CA ASP A 98 -9.86 -9.59 10.51
C ASP A 98 -9.45 -8.43 11.41
N GLN A 99 -9.45 -7.20 10.86
CA GLN A 99 -9.05 -6.02 11.63
C GLN A 99 -10.14 -5.52 12.58
N ILE A 100 -11.37 -6.00 12.42
CA ILE A 100 -12.49 -5.57 13.25
C ILE A 100 -12.18 -5.84 14.75
N ALA A 101 -11.71 -7.05 15.05
CA ALA A 101 -11.38 -7.41 16.44
C ALA A 101 -10.15 -6.66 16.93
N LEU A 102 -9.23 -6.32 16.03
CA LEU A 102 -8.05 -5.51 16.39
C LEU A 102 -8.48 -4.11 16.83
N VAL A 103 -9.45 -3.53 16.13
CA VAL A 103 -9.95 -2.18 16.46
C VAL A 103 -10.67 -2.15 17.82
N LYS A 104 -11.52 -3.15 18.06
CA LYS A 104 -12.15 -3.29 19.40
C LYS A 104 -11.09 -3.45 20.50
N ALA A 105 -10.04 -4.23 20.23
CA ALA A 105 -8.93 -4.37 21.17
C ALA A 105 -8.18 -3.07 21.48
N MET A 106 -7.94 -2.24 20.47
CA MET A 106 -7.24 -0.99 20.71
C MET A 106 -8.12 -0.01 21.47
N LYS A 107 -9.42 -0.03 21.16
CA LYS A 107 -10.37 0.82 21.85
C LYS A 107 -10.42 0.44 23.34
N ALA A 108 -10.38 -0.86 23.61
CA ALA A 108 -10.43 -1.35 25.00
C ALA A 108 -9.24 -0.89 25.86
N VAL A 109 -8.02 -1.03 25.33
CA VAL A 109 -6.82 -0.69 26.10
C VAL A 109 -6.64 0.83 26.21
N GLY A 110 -7.09 1.55 25.19
CA GLY A 110 -7.21 3.01 25.26
C GLY A 110 -5.90 3.79 25.22
N THR A 111 -4.78 3.10 25.07
CA THR A 111 -3.47 3.74 25.08
C THR A 111 -2.79 3.93 23.70
N ILE A 112 -3.52 3.68 22.61
CA ILE A 112 -2.89 3.71 21.28
C ILE A 112 -2.79 5.13 20.77
N LYS A 113 -1.58 5.52 20.37
CA LYS A 113 -1.31 6.87 19.86
C LYS A 113 -1.54 7.02 18.34
N ARG A 114 -1.51 5.90 17.61
CA ARG A 114 -1.78 5.93 16.15
C ARG A 114 -1.97 4.52 15.62
N PHE A 115 -3.01 4.34 14.82
CA PHE A 115 -3.27 3.10 14.08
C PHE A 115 -3.23 3.39 12.58
N LEU A 116 -2.46 2.59 11.85
CA LEU A 116 -2.50 2.62 10.37
C LEU A 116 -3.13 1.29 9.95
N PRO A 117 -4.39 1.31 9.50
CA PRO A 117 -4.98 0.06 8.97
C PRO A 117 -4.28 -0.41 7.70
N SER A 118 -4.71 -1.56 7.19
CA SER A 118 -4.24 -2.08 5.90
C SER A 118 -4.92 -1.32 4.78
N GLU A 119 -4.24 -0.27 4.34
CA GLU A 119 -4.66 0.55 3.24
C GLU A 119 -3.82 0.55 1.97
N PHE A 120 -2.66 1.20 2.00
CA PHE A 120 -1.51 0.95 1.11
C PHE A 120 -1.83 0.87 -0.38
N GLY A 121 -2.80 1.65 -0.82
CA GLY A 121 -3.22 1.67 -2.22
C GLY A 121 -3.87 2.99 -2.59
N HIS A 122 -5.06 2.90 -3.15
CA HIS A 122 -5.81 4.11 -3.51
C HIS A 122 -6.59 4.70 -2.38
N ASP A 123 -7.16 5.87 -2.64
CA ASP A 123 -8.11 6.44 -1.73
C ASP A 123 -9.42 5.68 -1.86
N VAL A 124 -9.72 4.81 -0.91
CA VAL A 124 -10.93 3.96 -1.03
C VAL A 124 -12.25 4.70 -1.00
N ASN A 125 -12.25 5.96 -0.54
CA ASN A 125 -13.47 6.74 -0.56
C ASN A 125 -13.77 7.38 -1.90
N ARG A 126 -12.72 7.66 -2.65
CA ARG A 126 -12.85 8.40 -3.89
C ARG A 126 -12.98 7.49 -5.11
N ALA A 127 -12.20 6.42 -5.10
CA ALA A 127 -12.17 5.44 -6.19
C ALA A 127 -13.42 4.56 -6.26
N ASP A 128 -13.83 4.22 -7.48
CA ASP A 128 -15.06 3.45 -7.69
C ASP A 128 -14.79 2.30 -8.66
N PRO A 129 -13.98 1.32 -8.24
CA PRO A 129 -13.70 0.21 -9.15
C PRO A 129 -14.90 -0.72 -9.38
N VAL A 130 -14.85 -1.50 -10.46
CA VAL A 130 -15.92 -2.47 -10.69
C VAL A 130 -15.73 -3.64 -9.72
N GLU A 131 -16.76 -4.48 -9.55
CA GLU A 131 -16.57 -5.74 -8.80
C GLU A 131 -15.59 -6.66 -9.56
N PRO A 132 -14.83 -7.49 -8.82
CA PRO A 132 -14.88 -7.62 -7.34
C PRO A 132 -13.91 -6.71 -6.58
N GLY A 133 -13.28 -5.74 -7.27
CA GLY A 133 -12.43 -4.79 -6.56
C GLY A 133 -13.26 -3.94 -5.61
N LEU A 134 -14.49 -3.65 -6.00
CA LEU A 134 -15.37 -2.79 -5.18
C LEU A 134 -15.63 -3.43 -3.80
N ASN A 135 -15.83 -4.75 -3.76
CA ASN A 135 -16.00 -5.41 -2.43
C ASN A 135 -14.81 -5.20 -1.48
N MET A 136 -13.59 -5.26 -1.99
CA MET A 136 -12.44 -5.01 -1.09
C MET A 136 -12.48 -3.57 -0.56
N TYR A 137 -12.82 -2.62 -1.43
CA TYR A 137 -12.99 -1.23 -0.97
C TYR A 137 -14.15 -1.07 0.02
N ARG A 138 -15.27 -1.76 -0.23
CA ARG A 138 -16.33 -1.84 0.79
C ARG A 138 -15.82 -2.22 2.17
N GLU A 139 -15.01 -3.28 2.23
CA GLU A 139 -14.40 -3.75 3.50
C GLU A 139 -13.41 -2.77 4.13
N LYS A 140 -12.56 -2.15 3.33
CA LYS A 140 -11.64 -1.16 3.88
C LYS A 140 -12.41 0.06 4.42
N ARG A 141 -13.45 0.48 3.71
CA ARG A 141 -14.30 1.58 4.19
C ARG A 141 -14.96 1.23 5.52
N ARG A 142 -15.40 -0.03 5.64
CA ARG A 142 -16.03 -0.52 6.88
C ARG A 142 -15.06 -0.40 8.06
N VAL A 143 -13.83 -0.83 7.85
CA VAL A 143 -12.79 -0.71 8.87
C VAL A 143 -12.52 0.79 9.22
N ARG A 144 -12.48 1.67 8.21
CA ARG A 144 -12.31 3.13 8.49
C ARG A 144 -13.43 3.67 9.37
N GLN A 145 -14.68 3.32 9.05
CA GLN A 145 -15.89 3.75 9.80
C GLN A 145 -15.75 3.31 11.27
N LEU A 146 -15.35 2.06 11.46
CA LEU A 146 -15.12 1.49 12.82
C LEU A 146 -13.99 2.21 13.58
N VAL A 147 -12.86 2.41 12.92
CA VAL A 147 -11.73 3.15 13.49
C VAL A 147 -12.18 4.54 14.01
N GLU A 148 -12.88 5.29 13.14
CA GLU A 148 -13.27 6.66 13.45
C GLU A 148 -14.35 6.74 14.52
N GLU A 149 -15.33 5.83 14.48
CA GLU A 149 -16.33 5.76 15.53
C GLU A 149 -15.78 5.31 16.88
N SER A 150 -14.69 4.54 16.87
CA SER A 150 -14.05 4.05 18.09
C SER A 150 -13.07 5.06 18.68
N GLY A 151 -12.91 6.18 17.98
CA GLY A 151 -12.03 7.28 18.38
C GLY A 151 -10.55 6.97 18.41
N ILE A 152 -10.08 5.98 17.64
CA ILE A 152 -8.67 5.65 17.62
C ILE A 152 -8.01 6.66 16.64
N PRO A 153 -6.91 7.30 17.06
CA PRO A 153 -6.16 8.21 16.15
C PRO A 153 -5.59 7.38 14.99
N PHE A 154 -5.66 7.92 13.77
CA PHE A 154 -5.43 7.11 12.57
C PHE A 154 -4.60 7.87 11.54
N THR A 155 -3.95 7.10 10.66
CA THR A 155 -3.36 7.60 9.43
C THR A 155 -3.66 6.60 8.33
N TYR A 156 -4.20 7.07 7.20
CA TYR A 156 -4.48 6.17 6.06
C TYR A 156 -3.41 6.38 5.00
N ILE A 157 -2.62 5.34 4.75
CA ILE A 157 -1.56 5.39 3.72
C ILE A 157 -2.14 5.08 2.32
N CYS A 158 -2.29 6.12 1.50
CA CYS A 158 -2.80 5.97 0.15
C CYS A 158 -1.52 6.17 -0.66
N CYS A 159 -0.77 5.08 -0.86
CA CYS A 159 0.51 5.17 -1.58
C CYS A 159 0.51 4.66 -3.02
N ASN A 160 -0.68 4.60 -3.63
CA ASN A 160 -0.81 4.27 -5.04
C ASN A 160 -0.20 2.92 -5.42
N SER A 161 0.56 2.87 -6.53
CA SER A 161 1.03 1.58 -7.07
C SER A 161 2.49 1.31 -6.71
N ILE A 162 2.77 0.09 -6.23
CA ILE A 162 4.17 -0.34 -6.05
C ILE A 162 4.87 -0.32 -7.42
N ALA A 163 6.12 0.12 -7.45
CA ALA A 163 6.92 0.21 -8.67
C ALA A 163 7.24 -1.18 -9.21
N SER A 164 6.54 -1.57 -10.27
CA SER A 164 6.63 -2.89 -10.85
C SER A 164 6.03 -2.77 -12.24
N TRP A 165 6.06 -3.86 -13.01
CA TRP A 165 5.25 -3.89 -14.20
C TRP A 165 3.83 -4.26 -13.77
N PRO A 166 2.82 -3.44 -14.11
CA PRO A 166 1.44 -3.63 -13.63
C PRO A 166 0.67 -4.70 -14.38
N TYR A 167 1.07 -5.95 -14.21
CA TYR A 167 0.36 -7.05 -14.86
C TYR A 167 -1.09 -7.09 -14.36
N TYR A 168 -2.02 -7.30 -15.26
CA TYR A 168 -3.46 -7.16 -14.97
C TYR A 168 -4.00 -8.18 -13.95
N ASN A 169 -3.29 -9.27 -13.73
CA ASN A 169 -3.83 -10.37 -12.92
C ASN A 169 -2.97 -10.80 -11.74
N ASN A 170 -1.84 -10.13 -11.53
CA ASN A 170 -0.86 -10.55 -10.52
C ASN A 170 -1.19 -10.07 -9.10
CA VAL A 176 7.44 -11.57 -11.88
C VAL A 176 8.19 -10.29 -12.23
N LEU A 177 8.77 -10.27 -13.44
CA LEU A 177 9.49 -9.11 -13.96
C LEU A 177 8.77 -8.53 -15.19
N PRO A 178 9.14 -7.31 -15.64
CA PRO A 178 8.50 -6.74 -16.84
C PRO A 178 8.74 -7.63 -18.09
N PRO A 179 7.91 -7.49 -19.15
CA PRO A 179 7.92 -8.50 -20.23
C PRO A 179 9.14 -8.41 -21.12
N THR A 180 9.49 -9.54 -21.75
CA THR A 180 10.60 -9.60 -22.71
C THR A 180 10.17 -10.13 -24.09
N ASP A 181 8.86 -10.34 -24.26
CA ASP A 181 8.29 -10.72 -25.56
C ASP A 181 7.52 -9.57 -26.22
N PHE A 182 6.41 -9.14 -25.59
CA PHE A 182 5.63 -8.00 -26.06
C PHE A 182 4.93 -7.29 -24.89
N PHE A 183 4.60 -6.01 -25.05
CA PHE A 183 3.92 -5.21 -24.02
C PHE A 183 2.42 -5.22 -24.26
N GLN A 184 1.66 -5.51 -23.21
CA GLN A 184 0.21 -5.39 -23.28
C GLN A 184 -0.10 -4.00 -22.71
N ILE A 185 -0.63 -3.12 -23.55
CA ILE A 185 -0.86 -1.72 -23.16
C ILE A 185 -2.34 -1.55 -22.94
N TYR A 186 -2.76 -1.05 -21.76
CA TYR A 186 -4.20 -0.91 -21.48
C TYR A 186 -4.79 0.32 -22.13
N GLY A 187 -5.89 0.14 -22.85
CA GLY A 187 -6.55 1.25 -23.53
C GLY A 187 -5.59 2.00 -24.42
N ASP A 188 -5.58 3.33 -24.29
CA ASP A 188 -4.69 4.20 -25.10
C ASP A 188 -3.25 4.26 -24.59
N GLY A 189 -3.00 3.62 -23.44
CA GLY A 189 -1.70 3.65 -22.79
C GLY A 189 -1.25 5.02 -22.30
N ASN A 190 -2.20 5.97 -22.24
CA ASN A 190 -1.89 7.39 -21.93
C ASN A 190 -2.55 7.90 -20.63
N VAL A 191 -2.85 7.00 -19.72
CA VAL A 191 -3.43 7.40 -18.43
C VAL A 191 -2.35 7.28 -17.36
N LYS A 192 -2.11 8.39 -16.64
CA LYS A 192 -1.06 8.47 -15.60
C LYS A 192 -1.42 7.72 -14.30
N ALA A 193 -0.38 7.17 -13.66
CA ALA A 193 -0.46 6.58 -12.32
C ALA A 193 0.84 6.93 -11.61
N TYR A 194 0.87 6.75 -10.29
CA TYR A 194 2.08 6.96 -9.48
C TYR A 194 2.67 5.66 -9.01
N PHE A 195 3.97 5.51 -9.24
CA PHE A 195 4.69 4.28 -8.91
C PHE A 195 5.74 4.54 -7.82
N VAL A 196 5.68 3.76 -6.75
CA VAL A 196 6.52 4.00 -5.58
C VAL A 196 7.30 2.75 -5.22
N ALA A 197 8.63 2.89 -5.06
CA ALA A 197 9.45 1.75 -4.64
C ALA A 197 8.93 1.19 -3.34
N GLY A 198 8.90 -0.14 -3.22
CA GLY A 198 8.58 -0.79 -1.96
C GLY A 198 9.34 -0.24 -0.76
N THR A 199 10.64 0.02 -0.94
CA THR A 199 11.45 0.64 0.14
C THR A 199 10.98 2.05 0.53
N ASP A 200 10.51 2.83 -0.46
CA ASP A 200 9.92 4.16 -0.18
C ASP A 200 8.55 4.06 0.48
N ILE A 201 7.78 3.02 0.12
CA ILE A 201 6.54 2.77 0.85
C ILE A 201 6.85 2.61 2.33
N GLY A 202 7.84 1.77 2.64
CA GLY A 202 8.23 1.53 4.04
C GLY A 202 8.74 2.77 4.76
N LYS A 203 9.77 3.39 4.19
CA LYS A 203 10.42 4.58 4.77
C LYS A 203 9.44 5.70 5.12
N PHE A 204 8.64 6.11 4.14
CA PHE A 204 7.72 7.23 4.30
C PHE A 204 6.52 6.88 5.17
N THR A 205 6.02 5.65 5.06
CA THR A 205 5.02 5.18 6.02
C THR A 205 5.46 5.39 7.49
N MET A 206 6.65 4.91 7.84
CA MET A 206 7.09 5.01 9.21
C MET A 206 7.36 6.45 9.68
N LYS A 207 7.80 7.32 8.77
CA LYS A 207 7.85 8.76 9.08
C LYS A 207 6.51 9.35 9.56
N THR A 208 5.39 8.84 9.05
CA THR A 208 4.09 9.44 9.34
C THR A 208 3.56 9.06 10.75
N VAL A 209 4.05 7.97 11.34
CA VAL A 209 3.33 7.39 12.49
C VAL A 209 3.23 8.28 13.74
N ASP A 210 4.17 9.21 13.90
CA ASP A 210 4.13 10.13 15.04
C ASP A 210 4.35 11.59 14.61
N ASP A 211 4.01 11.88 13.36
CA ASP A 211 4.08 13.23 12.83
C ASP A 211 2.77 13.92 13.22
N VAL A 212 2.86 15.09 13.86
CA VAL A 212 1.63 15.85 14.15
C VAL A 212 0.77 16.16 12.91
N ARG A 213 1.43 16.31 11.75
CA ARG A 213 0.74 16.71 10.54
C ARG A 213 -0.06 15.58 9.86
N THR A 214 0.14 14.35 10.30
CA THR A 214 -0.57 13.21 9.68
C THR A 214 -1.64 12.58 10.57
N LEU A 215 -1.86 13.20 11.74
CA LEU A 215 -2.90 12.77 12.67
C LEU A 215 -4.31 12.86 12.08
N ASN A 216 -5.03 11.72 12.02
CA ASN A 216 -6.39 11.69 11.47
C ASN A 216 -6.47 12.19 10.01
N LYS A 217 -5.43 11.86 9.24
CA LYS A 217 -5.33 12.23 7.81
C LYS A 217 -5.11 11.05 6.88
N SER A 218 -5.47 11.26 5.62
CA SER A 218 -5.05 10.41 4.51
C SER A 218 -3.76 11.01 3.97
N VAL A 219 -2.74 10.17 3.81
CA VAL A 219 -1.45 10.57 3.30
C VAL A 219 -1.29 10.01 1.87
N HIS A 220 -1.27 10.90 0.89
CA HIS A 220 -1.22 10.48 -0.54
C HIS A 220 0.21 10.54 -1.02
N PHE A 221 0.64 9.51 -1.78
CA PHE A 221 2.00 9.47 -2.32
C PHE A 221 1.97 9.92 -3.79
N ARG A 222 2.36 11.16 -4.04
CA ARG A 222 2.35 11.69 -5.40
C ARG A 222 3.74 12.19 -5.82
N PRO A 223 4.73 11.29 -5.88
CA PRO A 223 6.07 11.73 -6.32
C PRO A 223 6.02 12.14 -7.80
N SER A 224 6.28 13.42 -8.07
CA SER A 224 6.04 13.97 -9.41
C SER A 224 6.90 13.32 -10.49
N CYS A 225 8.11 12.88 -10.14
CA CYS A 225 8.99 12.23 -11.13
C CYS A 225 8.58 10.80 -11.48
N ASN A 226 7.65 10.23 -10.69
CA ASN A 226 7.18 8.84 -10.84
C ASN A 226 5.72 8.76 -11.31
N CYS A 227 5.26 9.85 -11.89
CA CYS A 227 3.91 9.94 -12.46
C CYS A 227 4.08 9.58 -13.93
N LEU A 228 3.74 8.33 -14.27
N LEU A 228 3.68 8.35 -14.29
CA LEU A 228 3.98 7.76 -15.61
CA LEU A 228 3.95 7.78 -15.61
C LEU A 228 2.72 7.04 -16.12
C LEU A 228 2.77 6.98 -16.13
N ASN A 229 2.52 7.05 -17.43
CA ASN A 229 1.53 6.17 -18.08
C ASN A 229 2.21 4.86 -18.53
N ILE A 230 1.42 3.90 -19.00
CA ILE A 230 1.94 2.59 -19.39
C ILE A 230 2.90 2.65 -20.60
N ASN A 231 2.61 3.54 -21.54
CA ASN A 231 3.54 3.79 -22.62
C ASN A 231 4.91 4.27 -22.15
N GLU A 232 4.94 5.15 -21.13
CA GLU A 232 6.20 5.61 -20.57
C GLU A 232 6.91 4.51 -19.78
N LEU A 233 6.14 3.71 -19.04
CA LEU A 233 6.70 2.55 -18.34
C LEU A 233 7.38 1.57 -19.32
N ALA A 234 6.71 1.29 -20.44
CA ALA A 234 7.28 0.36 -21.45
C ALA A 234 8.62 0.89 -21.98
N SER A 235 8.66 2.19 -22.29
CA SER A 235 9.87 2.85 -22.82
C SER A 235 11.03 2.85 -21.84
N VAL A 236 10.73 3.01 -20.55
CA VAL A 236 11.76 2.92 -19.51
C VAL A 236 12.38 1.53 -19.56
N TRP A 237 11.53 0.51 -19.67
CA TRP A 237 11.99 -0.87 -19.68
C TRP A 237 12.79 -1.19 -20.94
N GLU A 238 12.33 -0.68 -22.09
CA GLU A 238 13.04 -0.86 -23.38
C GLU A 238 14.47 -0.35 -23.30
N LYS A 239 14.65 0.77 -22.59
CA LYS A 239 15.99 1.32 -22.35
C LYS A 239 16.85 0.35 -21.52
N LYS A 240 16.26 -0.22 -20.48
CA LYS A 240 16.95 -1.18 -19.62
C LYS A 240 17.35 -2.50 -20.30
N ILE A 241 16.52 -2.98 -21.23
CA ILE A 241 16.79 -4.26 -21.91
C ILE A 241 17.58 -4.10 -23.20
N GLY A 242 17.77 -2.86 -23.62
CA GLY A 242 18.57 -2.51 -24.78
C GLY A 242 17.96 -2.90 -26.12
N ARG A 243 16.63 -2.85 -26.20
CA ARG A 243 15.90 -3.17 -27.43
C ARG A 243 14.40 -2.87 -27.29
N THR A 244 13.66 -2.99 -28.39
CA THR A 244 12.21 -2.74 -28.36
C THR A 244 11.40 -4.03 -28.48
N LEU A 245 10.19 -4.00 -27.92
CA LEU A 245 9.21 -5.10 -28.05
C LEU A 245 7.96 -4.59 -28.77
N PRO A 246 7.25 -5.48 -29.48
CA PRO A 246 5.98 -5.01 -30.07
C PRO A 246 5.01 -4.58 -28.95
N ARG A 247 4.08 -3.68 -29.27
CA ARG A 247 3.05 -3.27 -28.32
C ARG A 247 1.65 -3.64 -28.85
N VAL A 248 0.86 -4.29 -27.99
CA VAL A 248 -0.51 -4.70 -28.37
C VAL A 248 -1.51 -4.09 -27.38
N THR A 249 -2.74 -3.83 -27.84
CA THR A 249 -3.76 -3.19 -27.00
C THR A 249 -4.56 -4.25 -26.21
N VAL A 250 -4.72 -4.01 -24.92
CA VAL A 250 -5.69 -4.76 -24.06
C VAL A 250 -6.77 -3.72 -23.82
N THR A 251 -7.99 -3.98 -24.28
CA THR A 251 -9.03 -2.96 -24.26
C THR A 251 -9.69 -2.87 -22.87
N GLU A 252 -10.50 -1.83 -22.68
CA GLU A 252 -11.27 -1.71 -21.46
C GLU A 252 -12.18 -2.95 -21.33
N ASP A 253 -12.83 -3.37 -22.41
CA ASP A 253 -13.71 -4.55 -22.32
C ASP A 253 -12.98 -5.86 -21.97
N ASP A 254 -11.75 -6.03 -22.48
CA ASP A 254 -10.85 -7.13 -22.07
C ASP A 254 -10.73 -7.16 -20.53
N LEU A 255 -10.40 -6.02 -19.92
CA LEU A 255 -10.24 -5.96 -18.46
C LEU A 255 -11.55 -6.17 -17.72
N LEU A 256 -12.64 -5.61 -18.26
CA LEU A 256 -13.94 -5.78 -17.59
C LEU A 256 -14.44 -7.24 -17.66
N ALA A 257 -14.15 -7.91 -18.78
CA ALA A 257 -14.41 -9.35 -18.93
C ALA A 257 -13.64 -10.17 -17.88
N ALA A 258 -12.36 -9.87 -17.70
CA ALA A 258 -11.55 -10.53 -16.68
C ALA A 258 -12.08 -10.30 -15.27
N ALA A 259 -12.40 -9.04 -14.94
CA ALA A 259 -13.04 -8.73 -13.63
C ALA A 259 -14.36 -9.52 -13.46
N GLY A 260 -15.15 -9.60 -14.53
CA GLY A 260 -16.48 -10.21 -14.47
C GLY A 260 -16.46 -11.71 -14.21
N GLU A 261 -15.28 -12.31 -14.31
CA GLU A 261 -15.15 -13.75 -14.00
C GLU A 261 -15.24 -14.02 -12.51
N ASN A 262 -15.01 -13.00 -11.69
CA ASN A 262 -15.04 -13.14 -10.22
C ASN A 262 -14.15 -14.25 -9.68
N ILE A 263 -12.95 -14.36 -10.26
CA ILE A 263 -11.92 -15.30 -9.79
C ILE A 263 -10.98 -14.57 -8.83
N ILE A 264 -10.89 -15.05 -7.59
CA ILE A 264 -10.16 -14.33 -6.52
C ILE A 264 -8.76 -14.92 -6.32
N PRO A 265 -7.70 -14.06 -6.31
CA PRO A 265 -7.74 -12.59 -6.39
C PRO A 265 -7.47 -11.98 -7.78
N GLN A 266 -7.39 -12.81 -8.82
CA GLN A 266 -7.05 -12.31 -10.16
C GLN A 266 -8.01 -11.26 -10.70
N SER A 267 -9.32 -11.51 -10.53
CA SER A 267 -10.35 -10.59 -11.02
C SER A 267 -10.34 -9.28 -10.23
N VAL A 268 -9.87 -9.33 -8.99
CA VAL A 268 -9.76 -8.12 -8.15
C VAL A 268 -8.68 -7.20 -8.76
N VAL A 269 -7.54 -7.79 -9.09
CA VAL A 269 -6.45 -7.05 -9.74
C VAL A 269 -6.88 -6.51 -11.12
N ALA A 270 -7.68 -7.28 -11.86
CA ALA A 270 -8.24 -6.80 -13.15
C ALA A 270 -9.13 -5.56 -12.95
N ALA A 271 -9.94 -5.58 -11.88
CA ALA A 271 -10.80 -4.43 -11.58
C ALA A 271 -9.98 -3.19 -11.23
N PHE A 272 -8.94 -3.38 -10.41
CA PHE A 272 -8.06 -2.26 -10.03
C PHE A 272 -7.28 -1.73 -11.22
N THR A 273 -6.88 -2.63 -12.13
CA THR A 273 -6.18 -2.22 -13.35
C THR A 273 -7.06 -1.35 -14.22
N HIS A 274 -8.32 -1.72 -14.33
CA HIS A 274 -9.29 -0.93 -15.07
C HIS A 274 -9.45 0.45 -14.39
N ASP A 275 -9.66 0.47 -13.08
CA ASP A 275 -9.81 1.75 -12.37
C ASP A 275 -8.60 2.69 -12.56
N ILE A 276 -7.41 2.14 -12.46
CA ILE A 276 -6.18 2.93 -12.61
C ILE A 276 -5.93 3.41 -14.06
N PHE A 277 -5.91 2.46 -15.01
CA PHE A 277 -5.35 2.73 -16.36
C PHE A 277 -6.39 3.08 -17.42
N ILE A 278 -7.66 2.78 -17.13
CA ILE A 278 -8.73 3.23 -18.02
C ILE A 278 -9.37 4.50 -17.38
N LYS A 279 -9.72 4.42 -16.09
CA LYS A 279 -10.50 5.52 -15.47
C LYS A 279 -9.69 6.66 -14.84
N GLY A 280 -8.40 6.45 -14.59
CA GLY A 280 -7.50 7.50 -14.10
C GLY A 280 -7.67 7.76 -12.59
N CYS A 281 -8.00 6.73 -11.81
CA CYS A 281 -8.39 6.92 -10.37
C CYS A 281 -7.32 7.47 -9.45
N GLN A 282 -6.05 7.28 -9.80
CA GLN A 282 -4.95 7.77 -8.93
C GLN A 282 -4.67 9.28 -9.06
N VAL A 283 -5.13 9.87 -10.16
CA VAL A 283 -4.72 11.23 -10.53
C VAL A 283 -5.88 12.19 -10.71
N ASN A 284 -7.11 11.67 -10.64
CA ASN A 284 -8.26 12.49 -11.01
C ASN A 284 -8.99 13.24 -9.90
N PHE A 285 -8.30 13.50 -8.79
CA PHE A 285 -8.83 14.28 -7.66
C PHE A 285 -7.77 15.20 -7.04
N SER A 286 -8.24 16.32 -6.52
CA SER A 286 -7.43 17.28 -5.77
C SER A 286 -7.22 16.81 -4.34
N ILE A 287 -6.01 17.03 -3.81
CA ILE A 287 -5.70 16.74 -2.40
C ILE A 287 -5.48 18.05 -1.61
N ASP A 288 -6.23 19.08 -1.99
CA ASP A 288 -6.03 20.41 -1.43
C ASP A 288 -6.74 20.59 -0.08
N GLY A 289 -7.73 19.74 0.19
CA GLY A 289 -8.54 19.84 1.41
C GLY A 289 -7.84 19.49 2.72
N PRO A 290 -8.42 19.88 3.87
CA PRO A 290 -7.76 19.79 5.18
C PRO A 290 -7.50 18.36 5.70
N GLU A 291 -8.26 17.37 5.24
CA GLU A 291 -8.06 15.98 5.68
C GLU A 291 -7.04 15.18 4.84
N ASP A 292 -6.52 15.79 3.76
CA ASP A 292 -5.54 15.12 2.86
C ASP A 292 -4.19 15.81 2.96
N VAL A 293 -3.11 15.03 3.07
CA VAL A 293 -1.75 15.61 2.99
C VAL A 293 -1.01 14.77 1.94
N GLU A 294 0.12 15.29 1.44
CA GLU A 294 0.90 14.57 0.40
C GLU A 294 2.35 14.42 0.84
N VAL A 295 2.93 13.23 0.63
N VAL A 295 2.93 13.23 0.67
CA VAL A 295 4.25 12.88 1.14
CA VAL A 295 4.27 12.94 1.20
C VAL A 295 5.41 13.82 0.78
C VAL A 295 5.37 13.93 0.82
N THR A 296 5.47 14.25 -0.47
CA THR A 296 6.59 15.12 -0.92
C THR A 296 6.52 16.53 -0.35
N THR A 297 5.31 17.01 -0.05
CA THR A 297 5.20 18.30 0.63
C THR A 297 5.46 18.17 2.14
N LEU A 298 5.11 17.03 2.74
CA LEU A 298 5.45 16.77 4.17
C LEU A 298 6.96 16.69 4.43
N TYR A 299 7.67 16.04 3.49
CA TYR A 299 9.08 15.70 3.73
C TYR A 299 9.90 16.25 2.55
N PRO A 300 10.03 17.59 2.49
CA PRO A 300 10.64 18.17 1.29
C PRO A 300 12.14 17.89 1.27
N GLU A 301 12.72 17.89 0.07
CA GLU A 301 14.14 17.59 -0.10
C GLU A 301 14.50 16.17 0.34
N ASP A 302 13.52 15.28 0.33
CA ASP A 302 13.73 13.87 0.67
C ASP A 302 13.31 13.01 -0.55
N SER A 303 14.24 12.82 -1.48
CA SER A 303 13.93 12.22 -2.80
C SER A 303 13.37 10.79 -2.77
N PHE A 304 12.34 10.56 -3.57
CA PHE A 304 11.86 9.19 -3.86
C PHE A 304 12.76 8.54 -4.89
N ARG A 305 12.97 7.24 -4.77
CA ARG A 305 13.67 6.48 -5.82
C ARG A 305 12.87 6.54 -7.13
N THR A 306 13.55 6.73 -8.27
CA THR A 306 12.87 6.77 -9.58
C THR A 306 12.51 5.36 -10.11
N VAL A 307 11.62 5.31 -11.08
CA VAL A 307 11.22 4.04 -11.70
C VAL A 307 12.41 3.51 -12.51
N GLU A 308 13.16 4.42 -13.14
CA GLU A 308 14.44 4.10 -13.78
C GLU A 308 15.33 3.31 -12.83
N GLU A 309 15.52 3.84 -11.63
CA GLU A 309 16.29 3.20 -10.55
C GLU A 309 15.78 1.80 -10.18
N CYS A 310 14.47 1.66 -9.95
CA CYS A 310 13.86 0.36 -9.61
C CYS A 310 14.01 -0.68 -10.72
N PHE A 311 13.68 -0.27 -11.95
CA PHE A 311 13.80 -1.12 -13.13
C PHE A 311 15.26 -1.50 -13.41
N GLY A 312 16.18 -0.67 -12.94
CA GLY A 312 17.61 -0.96 -12.98
C GLY A 312 18.00 -2.16 -12.15
N GLU A 313 17.33 -2.36 -11.00
CA GLU A 313 17.70 -3.46 -10.11
C GLU A 313 17.03 -4.82 -10.45
N TYR A 314 16.04 -4.81 -11.33
CA TYR A 314 15.51 -6.05 -11.92
C TYR A 314 16.55 -6.62 -12.88
N ILE A 315 17.25 -5.71 -13.57
CA ILE A 315 18.27 -6.06 -14.55
C ILE A 315 19.47 -6.77 -13.91
N VAL A 316 19.57 -6.68 -12.58
CA VAL A 316 20.51 -7.49 -11.81
C VAL A 316 19.82 -8.82 -11.41
N LYS A 317 19.80 -9.75 -12.36
CA LYS A 317 19.21 -11.08 -12.18
C LYS A 317 19.84 -12.08 -13.15
PA NDP B . 0.22 -10.44 1.96
O1A NDP B . -0.88 -11.36 1.59
O2A NDP B . 1.47 -10.41 1.07
O5B NDP B . 0.63 -10.51 3.46
C5B NDP B . -0.39 -10.48 4.47
C4B NDP B . 0.26 -10.57 5.84
O4B NDP B . -0.81 -10.53 6.84
C3B NDP B . 0.93 -11.96 5.99
O3B NDP B . 2.18 -11.79 6.66
C2B NDP B . -0.07 -12.72 6.85
O2B NDP B . 0.55 -13.71 7.66
C1B NDP B . -0.61 -11.62 7.76
N9A NDP B . -1.94 -11.89 8.36
C8A NDP B . -3.07 -12.14 7.67
N7A NDP B . -4.07 -12.32 8.51
C5A NDP B . -3.61 -12.18 9.75
C6A NDP B . -4.20 -12.26 11.00
N6A NDP B . -5.51 -12.52 11.13
N1A NDP B . -3.44 -12.07 12.09
C2A NDP B . -2.14 -11.81 11.96
N3A NDP B . -1.54 -11.72 10.77
C4A NDP B . -2.25 -11.90 9.65
O3 NDP B . -0.38 -8.81 1.86
PN NDP B . -0.07 -7.72 0.74
O1N NDP B . -0.39 -8.53 -0.41
O2N NDP B . 1.38 -7.37 1.31
O5D NDP B . -1.33 -6.84 1.36
C5D NDP B . -1.11 -5.75 2.23
C4D NDP B . -2.01 -4.52 1.88
O4D NDP B . -1.35 -3.84 0.77
C3D NDP B . -3.43 -4.87 1.40
O3D NDP B . -4.36 -3.93 1.98
C2D NDP B . -3.37 -4.69 -0.11
O2D NDP B . -4.64 -4.27 -0.65
C1D NDP B . -2.29 -3.65 -0.31
N1N NDP B . -1.54 -3.84 -1.57
C2N NDP B . -1.03 -2.74 -2.27
C3N NDP B . -0.38 -2.91 -3.42
C7N NDP B . 0.07 -1.68 -4.25
O7N NDP B . 0.64 -1.80 -5.33
N7N NDP B . -0.22 -0.50 -3.70
C4N NDP B . -0.07 -4.31 -3.96
C5N NDP B . -0.14 -5.35 -2.83
C6N NDP B . -0.82 -5.09 -1.74
P2B NDP B . 0.52 -15.26 7.20
O1X NDP B . 1.44 -15.46 6.05
O2X NDP B . 0.96 -16.01 8.56
O3X NDP B . -1.01 -15.65 6.93
#